data_8I2E
#
_entry.id   8I2E
#
_cell.length_a   87.010
_cell.length_b   87.010
_cell.length_c   217.320
_cell.angle_alpha   90.00
_cell.angle_beta   90.00
_cell.angle_gamma   90.00
#
_symmetry.space_group_name_H-M   'P 41 2 2'
#
loop_
_entity.id
_entity.type
_entity.pdbx_description
1 polymer 'Uncharacterized protein YoeB'
2 polymer 'Probable peptidoglycan endopeptidase LytE'
#
loop_
_entity_poly.entity_id
_entity_poly.type
_entity_poly.pdbx_seq_one_letter_code
_entity_poly.pdbx_strand_id
1 'polypeptide(L)'
;GSKNTSGDLSQKQALQLALSAREHFWNTMSGHNPKVKKAVCPSGTFEYQNLQYVYMCSDLGTKAKAVNYLTPIFTKTAIE
KGFKDYHFTVSKGKLAVPIGDGDNLLNWKKSTAKLISKKGSTITYEFTVPTLDGSPSAKRKVTFVKENKKWKVNQFDAVI
;
A,C
2 'polypeptide(L)'
;GSQSIKVKKGDTLWDLSRKYDTTISKIKSENHLRSDIIYVGQTLSINGKSTSSKSSSSSSSSSTYKVKSGDSLWKISKKY
GMTINELKKLNGLKSDLLRVGQVLKLKGSTSSSSSSSSKVSSSSTSTYKVKSGDSLSKIASKYGTTVSKLKSLNGLKSDV
IYVNQVLKVKGTSTSSSKPASSSSSSSSKTSSTSLNVSKLVSDAKALVGTPYKWGGTTTSGFDCSGFIWYVLNKQTSVGR
TSTAGYWSSMKSIASPSVGDFVFFTTYKSGPSHMGIYIGNNSFIHAGSDGVQISSLNNSYWKPRYLGAKRF
;
B,D
#
# COMPACT_ATOMS: atom_id res chain seq x y z
N ASP A 8 -14.50 6.62 29.18
CA ASP A 8 -15.75 5.92 29.44
C ASP A 8 -15.77 4.50 28.85
N LEU A 9 -14.68 3.73 29.05
CA LEU A 9 -14.58 2.38 28.53
C LEU A 9 -14.21 1.43 29.67
N SER A 10 -15.07 0.43 29.94
CA SER A 10 -14.79 -0.47 31.07
C SER A 10 -13.87 -1.62 30.68
N GLN A 11 -13.41 -2.32 31.72
CA GLN A 11 -12.53 -3.47 31.57
C GLN A 11 -13.20 -4.60 30.81
N LYS A 12 -14.46 -4.89 31.15
CA LYS A 12 -15.14 -5.99 30.47
C LYS A 12 -15.32 -5.67 29.00
N GLN A 13 -15.65 -4.42 28.70
CA GLN A 13 -15.81 -3.97 27.34
C GLN A 13 -14.50 -4.00 26.58
N ALA A 14 -13.41 -3.53 27.21
CA ALA A 14 -12.12 -3.48 26.53
C ALA A 14 -11.68 -4.86 26.08
N LEU A 15 -11.80 -5.87 26.95
CA LEU A 15 -11.44 -7.22 26.56
C LEU A 15 -12.26 -7.68 25.35
N GLN A 16 -13.53 -7.26 25.27
CA GLN A 16 -14.33 -7.62 24.11
C GLN A 16 -13.74 -7.00 22.85
N LEU A 17 -13.32 -5.73 22.92
CA LEU A 17 -12.66 -5.09 21.77
C LEU A 17 -11.29 -5.69 21.49
N ALA A 18 -10.50 -5.93 22.55
CA ALA A 18 -9.19 -6.51 22.34
C ALA A 18 -9.30 -7.89 21.72
N LEU A 19 -10.21 -8.72 22.25
CA LEU A 19 -10.48 -10.01 21.62
C LEU A 19 -11.03 -9.83 20.20
N SER A 20 -11.66 -8.67 19.93
CA SER A 20 -12.11 -8.35 18.58
C SER A 20 -10.94 -8.11 17.64
N ALA A 21 -9.99 -7.29 18.08
CA ALA A 21 -8.81 -7.06 17.24
C ALA A 21 -8.05 -8.36 17.01
N ARG A 22 -8.02 -9.22 18.04
CA ARG A 22 -7.37 -10.51 17.91
C ARG A 22 -7.95 -11.27 16.73
N GLU A 23 -9.28 -11.29 16.64
CA GLU A 23 -9.94 -12.01 15.56
C GLU A 23 -9.57 -11.39 14.21
N HIS A 24 -9.62 -10.07 14.12
CA HIS A 24 -9.40 -9.43 12.84
C HIS A 24 -7.96 -9.58 12.40
N PHE A 25 -7.04 -9.42 13.34
CA PHE A 25 -5.63 -9.52 13.03
C PHE A 25 -5.29 -10.90 12.48
N TRP A 26 -5.75 -11.96 13.15
CA TRP A 26 -5.44 -13.30 12.69
C TRP A 26 -5.98 -13.54 11.29
N ASN A 27 -7.27 -13.27 11.10
CA ASN A 27 -7.92 -13.48 9.82
C ASN A 27 -7.26 -12.62 8.75
N THR A 28 -6.92 -11.38 9.08
CA THR A 28 -6.28 -10.51 8.10
C THR A 28 -4.96 -11.11 7.65
N MET A 29 -4.20 -11.65 8.61
CA MET A 29 -2.90 -12.19 8.31
C MET A 29 -3.01 -13.50 7.58
N SER A 30 -4.07 -14.27 7.84
CA SER A 30 -4.33 -15.51 7.13
C SER A 30 -4.86 -15.29 5.73
N GLY A 31 -5.40 -14.10 5.45
CA GLY A 31 -5.91 -13.80 4.13
C GLY A 31 -7.38 -14.08 3.93
N HIS A 32 -8.11 -14.47 4.98
CA HIS A 32 -9.50 -14.86 4.82
C HIS A 32 -10.26 -14.61 6.11
N ASN A 33 -11.46 -14.01 5.97
CA ASN A 33 -12.42 -13.99 7.06
C ASN A 33 -13.15 -15.31 7.02
N PRO A 34 -13.00 -16.17 8.03
CA PRO A 34 -13.58 -17.52 7.93
C PRO A 34 -15.09 -17.54 7.75
N LYS A 35 -15.78 -16.47 8.16
CA LYS A 35 -17.23 -16.43 8.01
C LYS A 35 -17.65 -16.42 6.54
N VAL A 36 -16.86 -15.77 5.68
CA VAL A 36 -17.18 -15.67 4.25
C VAL A 36 -16.79 -17.00 3.63
N LYS A 37 -17.74 -17.93 3.52
CA LYS A 37 -17.44 -19.24 2.95
C LYS A 37 -17.43 -19.26 1.41
N LYS A 38 -17.86 -18.18 0.74
CA LYS A 38 -17.86 -18.13 -0.72
C LYS A 38 -16.52 -17.70 -1.31
N ALA A 39 -15.40 -17.81 -0.59
CA ALA A 39 -14.17 -17.18 -1.03
C ALA A 39 -13.25 -18.19 -1.72
N VAL A 40 -12.30 -17.65 -2.49
CA VAL A 40 -11.36 -18.43 -3.30
C VAL A 40 -9.96 -17.87 -3.12
N CYS A 41 -9.01 -18.73 -2.75
CA CYS A 41 -7.70 -18.22 -2.40
C CYS A 41 -6.68 -18.48 -3.48
N PRO A 42 -6.18 -17.43 -4.14
CA PRO A 42 -5.32 -17.60 -5.30
C PRO A 42 -4.03 -18.34 -4.95
N SER A 43 -3.83 -19.46 -5.62
CA SER A 43 -2.56 -20.15 -5.52
C SER A 43 -1.45 -19.34 -6.17
N GLY A 44 -0.26 -19.40 -5.57
CA GLY A 44 0.90 -18.72 -6.10
C GLY A 44 1.72 -18.13 -4.97
N THR A 45 3.06 -18.25 -5.08
CA THR A 45 4.02 -17.59 -4.19
C THR A 45 5.02 -16.83 -5.04
N PHE A 46 5.61 -15.81 -4.43
CA PHE A 46 6.61 -15.01 -5.10
C PHE A 46 7.58 -14.45 -4.06
N GLU A 47 8.67 -13.86 -4.52
CA GLU A 47 9.65 -13.29 -3.63
C GLU A 47 9.78 -11.81 -3.92
N TYR A 48 9.77 -11.02 -2.88
CA TYR A 48 9.97 -9.59 -2.97
C TYR A 48 10.64 -9.18 -1.67
N GLN A 49 11.58 -8.25 -1.73
CA GLN A 49 12.22 -7.72 -0.52
C GLN A 49 12.84 -8.83 0.34
N ASN A 50 13.22 -9.96 -0.26
CA ASN A 50 13.69 -11.14 0.49
C ASN A 50 12.61 -11.75 1.37
N LEU A 51 11.35 -11.66 0.95
CA LEU A 51 10.20 -12.20 1.68
C LEU A 51 9.41 -13.10 0.75
N GLN A 52 8.99 -14.29 1.20
CA GLN A 52 8.07 -15.06 0.34
C GLN A 52 6.63 -14.61 0.55
N TYR A 53 5.95 -14.32 -0.54
CA TYR A 53 4.65 -13.71 -0.48
C TYR A 53 3.60 -14.72 -0.93
N VAL A 54 2.40 -14.60 -0.38
CA VAL A 54 1.28 -15.45 -0.75
C VAL A 54 0.04 -14.60 -1.00
N TYR A 55 -0.94 -15.17 -1.71
CA TYR A 55 -2.10 -14.39 -2.12
C TYR A 55 -3.25 -14.49 -1.11
N MET A 56 -3.86 -13.33 -0.85
CA MET A 56 -5.00 -13.21 0.05
C MET A 56 -6.25 -13.78 -0.59
N CYS A 57 -7.14 -14.29 0.24
CA CYS A 57 -8.35 -14.83 -0.34
C CYS A 57 -9.23 -13.72 -0.90
N SER A 58 -10.23 -14.16 -1.67
CA SER A 58 -11.09 -13.23 -2.40
C SER A 58 -11.69 -12.19 -1.48
N ASP A 59 -12.14 -12.61 -0.29
CA ASP A 59 -12.85 -11.70 0.61
C ASP A 59 -11.95 -10.56 1.04
N LEU A 60 -10.64 -10.75 1.03
CA LEU A 60 -9.65 -9.74 1.38
C LEU A 60 -8.73 -9.42 0.20
N GLY A 61 -9.18 -9.72 -1.02
CA GLY A 61 -8.32 -9.65 -2.19
C GLY A 61 -7.78 -8.28 -2.55
N THR A 62 -8.48 -7.21 -2.20
CA THR A 62 -8.05 -5.85 -2.54
C THR A 62 -7.80 -5.06 -1.27
N LYS A 63 -6.91 -4.06 -1.34
CA LYS A 63 -6.64 -3.26 -0.15
C LYS A 63 -7.91 -2.64 0.36
N ALA A 64 -8.80 -2.21 -0.55
CA ALA A 64 -10.02 -1.56 -0.11
C ALA A 64 -10.88 -2.51 0.71
N LYS A 65 -10.99 -3.76 0.28
CA LYS A 65 -11.69 -4.78 1.05
C LYS A 65 -11.01 -4.97 2.40
N ALA A 66 -9.69 -4.92 2.42
CA ALA A 66 -8.98 -5.03 3.68
C ALA A 66 -9.32 -3.86 4.60
N VAL A 67 -9.22 -2.63 4.08
CA VAL A 67 -9.54 -1.43 4.86
C VAL A 67 -10.96 -1.47 5.36
N ASN A 68 -11.87 -1.94 4.53
CA ASN A 68 -13.24 -2.04 4.99
C ASN A 68 -13.38 -3.07 6.10
N TYR A 69 -12.54 -4.11 6.11
CA TYR A 69 -12.67 -5.13 7.15
C TYR A 69 -12.35 -4.56 8.54
N LEU A 70 -11.32 -3.70 8.63
CA LEU A 70 -10.71 -3.31 9.90
C LEU A 70 -11.10 -1.96 10.46
N THR A 71 -11.63 -1.05 9.64
CA THR A 71 -11.98 0.27 10.14
C THR A 71 -12.98 0.18 11.31
N PRO A 72 -13.76 -0.91 11.44
CA PRO A 72 -14.55 -1.11 12.69
C PRO A 72 -13.76 -1.20 13.99
N ILE A 73 -12.61 -1.91 14.05
CA ILE A 73 -11.90 -2.12 15.32
C ILE A 73 -10.60 -1.33 15.45
N PHE A 74 -9.99 -0.89 14.35
CA PHE A 74 -8.69 -0.25 14.39
C PHE A 74 -8.79 1.18 13.86
N THR A 75 -8.09 2.12 14.50
CA THR A 75 -8.15 3.49 14.02
C THR A 75 -7.54 3.55 12.62
N LYS A 76 -7.86 4.61 11.87
CA LYS A 76 -7.36 4.69 10.50
C LYS A 76 -5.85 4.62 10.48
N THR A 77 -5.18 5.28 11.43
CA THR A 77 -3.72 5.29 11.46
C THR A 77 -3.17 3.90 11.73
N ALA A 78 -3.83 3.12 12.58
CA ALA A 78 -3.35 1.77 12.84
C ALA A 78 -3.29 0.95 11.56
N ILE A 79 -4.25 1.17 10.66
CA ILE A 79 -4.32 0.44 9.39
C ILE A 79 -3.22 0.90 8.42
N GLU A 80 -2.91 2.20 8.37
CA GLU A 80 -1.78 2.60 7.55
C GLU A 80 -0.53 1.87 8.01
N LYS A 81 -0.14 2.09 9.27
CA LYS A 81 1.08 1.49 9.80
C LYS A 81 1.06 -0.01 9.65
N GLY A 82 -0.10 -0.64 9.79
CA GLY A 82 -0.15 -2.08 9.68
C GLY A 82 0.17 -2.55 8.27
N PHE A 83 -0.42 -1.90 7.27
CA PHE A 83 -0.19 -2.29 5.88
C PHE A 83 1.28 -2.13 5.57
N LYS A 84 1.91 -1.13 6.19
CA LYS A 84 3.34 -0.90 6.05
C LYS A 84 4.12 -1.92 6.87
N ASP A 85 3.85 -1.98 8.18
CA ASP A 85 4.65 -2.81 9.08
C ASP A 85 4.68 -4.26 8.64
N TYR A 86 3.54 -4.80 8.19
CA TYR A 86 3.47 -6.20 7.81
C TYR A 86 3.65 -6.38 6.31
N HIS A 87 4.18 -5.35 5.65
CA HIS A 87 4.75 -5.41 4.31
C HIS A 87 3.81 -6.01 3.27
N PHE A 88 2.58 -5.47 3.21
CA PHE A 88 1.65 -5.92 2.19
C PHE A 88 2.08 -5.44 0.83
N THR A 89 1.63 -6.17 -0.19
CA THR A 89 1.98 -5.79 -1.55
C THR A 89 0.90 -6.28 -2.52
N VAL A 90 0.87 -5.66 -3.71
CA VAL A 90 -0.11 -5.99 -4.75
C VAL A 90 0.61 -6.54 -5.99
N SER A 91 0.24 -7.75 -6.41
CA SER A 91 0.74 -8.36 -7.63
C SER A 91 -0.40 -8.96 -8.45
N LYS A 92 -0.40 -8.67 -9.76
CA LYS A 92 -1.47 -9.12 -10.66
C LYS A 92 -2.82 -8.69 -10.14
N GLY A 93 -2.88 -7.50 -9.54
CA GLY A 93 -4.10 -6.93 -9.03
C GLY A 93 -4.63 -7.53 -7.74
N LYS A 94 -3.92 -8.48 -7.13
CA LYS A 94 -4.38 -9.12 -5.92
C LYS A 94 -3.40 -8.81 -4.80
N LEU A 95 -3.93 -8.51 -3.62
CA LEU A 95 -3.06 -8.19 -2.50
C LEU A 95 -2.34 -9.46 -2.07
N ALA A 96 -1.16 -9.27 -1.48
CA ALA A 96 -0.34 -10.40 -1.05
C ALA A 96 0.31 -10.12 0.30
N VAL A 97 0.55 -11.19 1.06
CA VAL A 97 1.20 -11.08 2.37
C VAL A 97 2.46 -11.91 2.37
N PRO A 98 3.46 -11.51 3.13
CA PRO A 98 4.55 -12.44 3.40
C PRO A 98 4.02 -13.58 4.26
N ILE A 99 4.43 -14.78 3.89
CA ILE A 99 4.00 -15.99 4.55
C ILE A 99 4.47 -15.94 6.00
N GLY A 100 3.65 -16.44 6.91
CA GLY A 100 3.93 -16.44 8.34
C GLY A 100 3.04 -17.40 9.09
N ASP A 101 3.34 -17.62 10.36
CA ASP A 101 2.45 -18.41 11.21
C ASP A 101 2.07 -17.62 12.44
N GLY A 102 0.99 -18.02 13.06
CA GLY A 102 0.47 -17.33 14.21
C GLY A 102 0.84 -18.09 15.46
N ASP A 103 0.61 -17.46 16.60
CA ASP A 103 0.82 -18.15 17.86
C ASP A 103 -0.29 -17.78 18.83
N ASN A 104 -0.97 -18.80 19.34
CA ASN A 104 -2.08 -18.61 20.26
C ASN A 104 -1.63 -18.80 21.69
N LEU A 105 -0.33 -18.69 21.93
CA LEU A 105 0.22 -18.91 23.27
C LEU A 105 -0.47 -18.05 24.30
N LEU A 106 -0.78 -16.80 23.95
CA LEU A 106 -1.41 -15.95 24.93
C LEU A 106 -2.89 -16.29 24.98
N ASN A 107 -3.40 -16.62 26.18
CA ASN A 107 -4.83 -16.84 26.41
C ASN A 107 -5.51 -15.52 26.73
N TRP A 108 -5.93 -14.81 25.69
CA TRP A 108 -6.53 -13.51 25.95
C TRP A 108 -7.90 -13.67 26.61
N LYS A 109 -8.59 -14.79 26.36
CA LYS A 109 -9.94 -14.95 26.89
C LYS A 109 -9.92 -14.90 28.40
N LYS A 110 -8.89 -15.47 29.02
CA LYS A 110 -8.71 -15.46 30.47
C LYS A 110 -7.69 -14.40 30.90
N SER A 111 -7.66 -13.26 30.22
CA SER A 111 -6.76 -12.17 30.56
C SER A 111 -7.33 -11.35 31.72
N THR A 112 -6.50 -10.44 32.24
CA THR A 112 -6.95 -9.45 33.21
C THR A 112 -6.51 -8.07 32.73
N ALA A 113 -7.35 -7.07 32.93
CA ALA A 113 -7.08 -5.74 32.43
C ALA A 113 -6.99 -4.77 33.59
N LYS A 114 -5.98 -3.90 33.54
CA LYS A 114 -5.76 -2.87 34.56
C LYS A 114 -5.58 -1.56 33.83
N LEU A 115 -6.34 -0.55 34.24
CA LEU A 115 -6.31 0.68 33.48
C LEU A 115 -5.03 1.46 33.78
N ILE A 116 -4.30 1.81 32.72
CA ILE A 116 -3.04 2.53 32.82
C ILE A 116 -3.23 4.03 32.64
N SER A 117 -4.11 4.42 31.74
CA SER A 117 -4.29 5.84 31.45
C SER A 117 -5.69 6.08 30.92
N LYS A 118 -6.17 7.29 31.18
CA LYS A 118 -7.38 7.82 30.56
C LYS A 118 -7.13 9.31 30.46
N LYS A 119 -6.75 9.81 29.29
CA LYS A 119 -6.58 11.25 29.14
C LYS A 119 -7.28 11.73 27.85
N GLY A 120 -8.46 12.30 28.05
CA GLY A 120 -9.22 12.81 26.93
C GLY A 120 -9.69 11.67 26.05
N SER A 121 -9.42 11.79 24.75
CA SER A 121 -9.94 10.83 23.79
C SER A 121 -9.18 9.50 23.76
N THR A 122 -8.10 9.37 24.53
CA THR A 122 -7.26 8.18 24.55
C THR A 122 -7.33 7.45 25.90
N ILE A 123 -7.44 6.12 25.85
CA ILE A 123 -7.44 5.24 27.03
C ILE A 123 -6.46 4.10 26.79
N THR A 124 -5.61 3.78 27.77
CA THR A 124 -4.72 2.63 27.65
C THR A 124 -4.86 1.69 28.86
N TYR A 125 -4.95 0.38 28.61
CA TYR A 125 -5.12 -0.65 29.62
C TYR A 125 -3.93 -1.62 29.57
N GLU A 126 -3.48 -2.14 30.72
CA GLU A 126 -2.43 -3.16 30.77
C GLU A 126 -3.04 -4.53 31.05
N PHE A 127 -2.70 -5.48 30.20
CA PHE A 127 -3.29 -6.79 30.25
C PHE A 127 -2.22 -7.74 30.74
N THR A 128 -2.57 -8.57 31.69
CA THR A 128 -1.70 -9.65 32.10
C THR A 128 -2.34 -10.91 31.55
N VAL A 129 -1.62 -11.64 30.72
CA VAL A 129 -2.22 -12.72 29.94
C VAL A 129 -1.59 -14.04 30.37
N PRO A 130 -2.39 -15.00 30.80
CA PRO A 130 -1.86 -16.34 31.07
C PRO A 130 -1.49 -17.02 29.78
N THR A 131 -0.52 -17.92 29.88
CA THR A 131 0.00 -18.65 28.75
C THR A 131 -0.52 -20.07 28.85
N LEU A 132 -0.94 -20.64 27.73
CA LEU A 132 -1.33 -22.04 27.76
C LEU A 132 -0.12 -22.89 28.13
N ASP A 133 1.06 -22.35 27.85
CA ASP A 133 2.36 -22.98 28.00
C ASP A 133 2.67 -23.28 29.47
N GLY A 134 2.08 -22.53 30.37
CA GLY A 134 2.52 -22.52 31.75
C GLY A 134 3.60 -21.50 31.91
N SER A 135 3.95 -20.81 30.82
CA SER A 135 5.03 -19.85 30.73
C SER A 135 4.73 -18.63 31.58
N PRO A 136 5.75 -17.86 31.94
CA PRO A 136 5.49 -16.63 32.70
C PRO A 136 4.58 -15.70 31.91
N SER A 137 3.55 -15.23 32.59
CA SER A 137 2.47 -14.54 31.94
C SER A 137 2.94 -13.20 31.41
N ALA A 138 2.20 -12.67 30.44
CA ALA A 138 2.73 -11.64 29.56
C ALA A 138 2.06 -10.29 29.77
N LYS A 139 2.85 -9.23 29.73
CA LYS A 139 2.36 -7.87 29.84
C LYS A 139 2.14 -7.28 28.45
N ARG A 140 0.88 -7.01 28.11
CA ARG A 140 0.51 -6.42 26.82
C ARG A 140 -0.32 -5.18 27.05
N LYS A 141 0.23 -4.01 26.73
CA LYS A 141 -0.47 -2.74 26.91
C LYS A 141 -1.24 -2.45 25.64
N VAL A 142 -2.55 -2.19 25.75
CA VAL A 142 -3.38 -1.82 24.60
C VAL A 142 -3.94 -0.42 24.79
N THR A 143 -3.76 0.41 23.77
CA THR A 143 -4.24 1.78 23.73
C THR A 143 -5.50 1.85 22.89
N PHE A 144 -6.56 2.44 23.44
CA PHE A 144 -7.84 2.61 22.77
C PHE A 144 -8.04 4.08 22.47
N VAL A 145 -8.39 4.41 21.22
CA VAL A 145 -8.68 5.78 20.78
C VAL A 145 -10.05 5.77 20.08
N LYS A 146 -10.87 6.82 20.30
CA LYS A 146 -12.24 6.84 19.78
C LYS A 146 -12.26 7.53 18.44
N GLU A 147 -12.46 6.77 17.38
CA GLU A 147 -12.58 7.30 16.03
C GLU A 147 -14.04 7.24 15.62
N ASN A 148 -14.52 8.28 14.94
CA ASN A 148 -15.95 8.49 14.79
C ASN A 148 -16.39 8.69 16.24
N LYS A 149 -17.34 7.92 16.74
CA LYS A 149 -17.58 7.90 18.17
C LYS A 149 -17.24 6.55 18.77
N LYS A 150 -16.82 5.61 17.93
CA LYS A 150 -16.54 4.24 18.34
C LYS A 150 -15.15 4.15 18.97
N TRP A 151 -15.06 3.37 20.05
CA TRP A 151 -13.75 3.10 20.62
C TRP A 151 -13.10 2.06 19.72
N LYS A 152 -11.85 2.29 19.35
CA LYS A 152 -11.12 1.40 18.46
C LYS A 152 -9.71 1.28 19.03
N VAL A 153 -8.94 0.28 18.56
CA VAL A 153 -7.55 0.10 18.97
C VAL A 153 -6.66 0.92 18.06
N ASN A 154 -5.64 1.58 18.60
CA ASN A 154 -4.81 2.45 17.76
C ASN A 154 -3.52 1.78 17.26
N GLN A 155 -3.38 0.46 17.37
CA GLN A 155 -2.30 -0.26 16.71
C GLN A 155 -2.77 -1.64 16.24
N PHE A 156 -2.32 -2.04 15.05
CA PHE A 156 -2.78 -3.26 14.38
C PHE A 156 -2.45 -4.52 15.17
N ASP A 157 -1.20 -4.66 15.57
CA ASP A 157 -0.67 -5.86 16.17
C ASP A 157 -0.82 -5.89 17.69
N ALA A 158 -1.73 -5.07 18.24
CA ALA A 158 -1.86 -4.88 19.68
C ALA A 158 -2.17 -6.17 20.43
N VAL A 159 -2.91 -7.09 19.82
CA VAL A 159 -3.43 -8.27 20.53
C VAL A 159 -2.66 -9.56 20.22
N ILE A 160 -3.11 -10.33 19.22
CA ILE A 160 -2.44 -11.59 18.80
C ILE A 160 -2.57 -12.74 19.82
N SER B 194 23.67 -32.66 7.46
CA SER B 194 24.00 -31.75 6.35
C SER B 194 24.38 -30.34 6.83
N LEU B 195 24.34 -30.13 8.15
CA LEU B 195 24.56 -28.81 8.73
C LEU B 195 25.34 -28.91 10.03
N ASN B 196 26.03 -27.84 10.37
CA ASN B 196 26.79 -27.86 11.60
C ASN B 196 25.81 -27.62 12.72
N VAL B 197 25.43 -28.71 13.39
CA VAL B 197 24.47 -28.64 14.48
C VAL B 197 25.01 -27.77 15.61
N SER B 198 26.35 -27.81 15.81
CA SER B 198 27.00 -26.90 16.75
C SER B 198 26.69 -25.46 16.40
N LYS B 199 26.71 -25.14 15.11
CA LYS B 199 26.40 -23.79 14.68
C LYS B 199 24.91 -23.50 14.79
N LEU B 200 24.05 -24.43 14.35
CA LEU B 200 22.60 -24.22 14.44
C LEU B 200 22.14 -23.94 15.85
N VAL B 201 22.48 -24.83 16.78
CA VAL B 201 21.97 -24.67 18.12
C VAL B 201 22.57 -23.43 18.79
N SER B 202 23.85 -23.18 18.58
CA SER B 202 24.43 -21.97 19.15
C SER B 202 23.91 -20.72 18.45
N ASP B 203 23.80 -20.74 17.13
CA ASP B 203 23.29 -19.56 16.41
C ASP B 203 21.85 -19.26 16.84
N ALA B 204 21.05 -20.30 17.09
CA ALA B 204 19.71 -20.05 17.61
C ALA B 204 19.77 -19.49 19.03
N LYS B 205 20.53 -20.15 19.91
CA LYS B 205 20.48 -19.78 21.33
C LYS B 205 20.81 -18.31 21.54
N ALA B 206 21.67 -17.73 20.71
CA ALA B 206 22.07 -16.36 20.96
C ALA B 206 20.88 -15.41 20.87
N LEU B 207 19.86 -15.79 20.09
CA LEU B 207 18.70 -14.95 19.77
C LEU B 207 17.62 -14.97 20.81
N VAL B 208 17.87 -15.60 21.97
CA VAL B 208 16.86 -15.67 22.99
C VAL B 208 16.49 -14.27 23.45
N GLY B 209 15.20 -14.05 23.60
CA GLY B 209 14.74 -12.73 23.95
C GLY B 209 14.26 -11.89 22.81
N THR B 210 14.52 -12.26 21.56
CA THR B 210 13.93 -11.48 20.49
C THR B 210 12.42 -11.69 20.48
N PRO B 211 11.63 -10.64 20.30
CA PRO B 211 10.17 -10.74 20.35
C PRO B 211 9.48 -11.48 19.22
N TYR B 212 8.15 -11.37 19.13
CA TYR B 212 7.37 -12.15 18.18
C TYR B 212 6.72 -11.23 17.14
N LYS B 213 6.80 -11.62 15.87
CA LYS B 213 6.00 -10.95 14.86
C LYS B 213 5.66 -11.96 13.77
N TRP B 214 4.43 -11.88 13.21
CA TRP B 214 4.08 -12.70 12.04
C TRP B 214 5.07 -12.49 10.92
N GLY B 215 5.40 -13.57 10.23
CA GLY B 215 6.28 -13.50 9.05
C GLY B 215 7.58 -12.78 9.28
N GLY B 216 8.10 -12.87 10.52
CA GLY B 216 9.28 -12.17 10.95
C GLY B 216 10.56 -12.88 10.59
N THR B 217 11.30 -12.37 9.60
CA THR B 217 12.53 -12.99 9.11
C THR B 217 13.77 -12.24 9.60
N THR B 218 13.59 -11.34 10.59
CA THR B 218 14.56 -10.36 11.04
C THR B 218 14.89 -10.52 12.52
N THR B 219 16.01 -9.92 12.91
CA THR B 219 16.40 -9.95 14.31
C THR B 219 15.50 -9.09 15.17
N SER B 220 14.62 -8.32 14.58
CA SER B 220 13.66 -7.51 15.32
C SER B 220 12.31 -8.20 15.58
N GLY B 221 12.08 -9.43 15.08
CA GLY B 221 10.91 -10.21 15.45
C GLY B 221 10.71 -11.42 14.54
N PHE B 222 10.34 -12.59 15.10
CA PHE B 222 10.26 -13.86 14.35
C PHE B 222 8.92 -14.55 14.56
N ASP B 223 8.76 -15.68 13.87
CA ASP B 223 7.70 -16.64 14.16
C ASP B 223 8.32 -18.03 14.01
N CYS B 224 7.48 -19.07 14.10
CA CYS B 224 7.95 -20.44 13.92
C CYS B 224 8.82 -20.56 12.70
N SER B 225 8.26 -20.17 11.56
CA SER B 225 8.89 -20.39 10.27
C SER B 225 10.15 -19.53 10.09
N GLY B 226 10.05 -18.24 10.38
CA GLY B 226 11.18 -17.34 10.16
C GLY B 226 12.37 -17.60 11.07
N PHE B 227 12.11 -17.91 12.35
CA PHE B 227 13.23 -18.19 13.25
C PHE B 227 14.06 -19.34 12.70
N ILE B 228 13.42 -20.40 12.25
CA ILE B 228 14.18 -21.48 11.60
C ILE B 228 14.77 -20.98 10.29
N TRP B 229 14.03 -20.16 9.54
CA TRP B 229 14.59 -19.65 8.30
C TRP B 229 15.79 -18.78 8.59
N TYR B 230 15.67 -17.88 9.58
CA TYR B 230 16.80 -16.98 9.85
C TYR B 230 18.02 -17.76 10.27
N VAL B 231 17.84 -18.76 11.14
CA VAL B 231 18.97 -19.54 11.64
C VAL B 231 19.57 -20.39 10.55
N LEU B 232 18.73 -20.92 9.66
CA LEU B 232 19.20 -21.78 8.58
C LEU B 232 19.96 -20.98 7.51
N ASN B 233 19.44 -19.81 7.12
CA ASN B 233 20.16 -19.10 6.07
C ASN B 233 21.52 -18.56 6.54
N LYS B 234 21.80 -18.61 7.83
CA LYS B 234 23.14 -18.23 8.24
C LYS B 234 24.18 -19.18 7.69
N GLN B 235 23.82 -20.45 7.50
CA GLN B 235 24.74 -21.47 7.01
C GLN B 235 24.57 -21.76 5.52
N THR B 236 23.33 -22.00 5.07
CA THR B 236 23.06 -22.33 3.67
C THR B 236 21.85 -21.57 3.17
N SER B 237 21.76 -21.36 1.87
CA SER B 237 20.64 -20.60 1.32
C SER B 237 19.42 -21.52 1.25
N VAL B 238 18.29 -21.08 1.83
CA VAL B 238 17.07 -21.87 1.88
C VAL B 238 15.87 -20.94 1.64
N GLY B 239 14.74 -21.52 1.19
CA GLY B 239 13.56 -20.72 0.93
C GLY B 239 12.63 -20.57 2.13
N ARG B 240 11.83 -19.51 2.10
CA ARG B 240 10.90 -19.18 3.19
C ARG B 240 9.58 -19.90 2.98
N THR B 241 9.11 -20.65 3.98
CA THR B 241 7.83 -21.35 3.88
C THR B 241 7.15 -21.29 5.24
N SER B 242 5.92 -21.82 5.30
CA SER B 242 5.17 -21.91 6.54
C SER B 242 5.63 -23.11 7.36
N THR B 243 5.18 -23.16 8.61
CA THR B 243 5.44 -24.33 9.42
C THR B 243 4.90 -25.56 8.72
N ALA B 244 3.78 -25.43 8.01
CA ALA B 244 3.26 -26.56 7.25
C ALA B 244 4.17 -26.92 6.08
N GLY B 245 4.78 -25.92 5.45
CA GLY B 245 5.69 -26.22 4.36
C GLY B 245 6.93 -26.92 4.83
N TYR B 246 7.52 -26.45 5.94
CA TYR B 246 8.71 -27.09 6.47
C TYR B 246 8.41 -28.51 6.95
N TRP B 247 7.16 -28.78 7.33
CA TRP B 247 6.76 -30.14 7.66
C TRP B 247 6.77 -31.03 6.42
N SER B 248 6.35 -30.50 5.27
CA SER B 248 6.24 -31.31 4.07
C SER B 248 7.49 -31.30 3.22
N SER B 249 8.39 -30.36 3.43
CA SER B 249 9.64 -30.31 2.67
C SER B 249 10.81 -30.91 3.44
N MET B 250 10.55 -31.47 4.62
CA MET B 250 11.62 -32.03 5.42
C MET B 250 11.47 -33.54 5.52
N LYS B 251 12.65 -34.16 5.63
CA LYS B 251 12.81 -35.61 5.60
C LYS B 251 12.36 -36.24 6.92
N SER B 252 11.71 -37.39 6.82
CA SER B 252 11.05 -37.96 7.98
C SER B 252 12.04 -38.76 8.84
N ILE B 253 11.86 -38.66 10.16
CA ILE B 253 12.60 -39.39 11.16
C ILE B 253 11.62 -39.76 12.25
N ALA B 254 12.03 -40.63 13.17
CA ALA B 254 11.11 -40.92 14.27
C ALA B 254 11.45 -40.20 15.56
N SER B 255 12.73 -40.16 15.92
CA SER B 255 13.20 -39.62 17.19
C SER B 255 14.20 -38.50 16.96
N PRO B 256 13.94 -37.29 17.43
CA PRO B 256 14.83 -36.16 17.18
C PRO B 256 16.22 -36.36 17.77
N SER B 257 17.22 -36.02 16.97
CA SER B 257 18.59 -35.79 17.39
C SER B 257 18.77 -34.28 17.43
N VAL B 258 19.85 -33.80 18.07
CA VAL B 258 20.07 -32.36 18.09
C VAL B 258 20.21 -31.80 16.66
N GLY B 259 19.60 -30.63 16.45
CA GLY B 259 19.52 -30.05 15.13
C GLY B 259 18.30 -30.47 14.36
N ASP B 260 17.55 -31.46 14.84
CA ASP B 260 16.35 -31.86 14.13
C ASP B 260 15.24 -30.86 14.45
N PHE B 261 14.15 -30.93 13.68
CA PHE B 261 13.01 -30.04 13.87
C PHE B 261 11.84 -30.82 14.40
N VAL B 262 11.19 -30.21 15.40
CA VAL B 262 10.08 -30.79 16.14
C VAL B 262 8.84 -29.96 15.84
N PHE B 263 7.67 -30.61 15.75
CA PHE B 263 6.45 -29.97 15.29
C PHE B 263 5.30 -30.17 16.29
N PHE B 264 4.45 -29.16 16.42
CA PHE B 264 3.36 -29.20 17.38
C PHE B 264 2.09 -28.64 16.76
N THR B 265 0.99 -29.05 17.34
CA THR B 265 -0.33 -28.62 16.92
C THR B 265 -0.93 -27.74 18.02
N THR B 266 -0.98 -26.42 17.76
CA THR B 266 -1.40 -25.43 18.74
C THR B 266 -2.72 -24.82 18.30
N TYR B 267 -2.68 -23.92 17.30
CA TYR B 267 -3.89 -23.19 16.89
C TYR B 267 -4.73 -23.93 15.85
N LYS B 268 -4.21 -24.95 15.18
CA LYS B 268 -5.03 -25.64 14.19
C LYS B 268 -4.61 -27.10 14.11
N SER B 269 -5.41 -27.91 13.42
CA SER B 269 -5.07 -29.31 13.19
C SER B 269 -3.90 -29.43 12.22
N GLY B 270 -2.88 -30.20 12.61
CA GLY B 270 -1.67 -30.32 11.84
C GLY B 270 -0.55 -29.48 12.44
N PRO B 271 0.54 -29.32 11.71
CA PRO B 271 1.67 -28.52 12.21
C PRO B 271 1.34 -27.03 12.17
N SER B 272 1.41 -26.39 13.33
CA SER B 272 1.13 -24.97 13.47
C SER B 272 2.18 -24.22 14.28
N HIS B 273 3.11 -24.94 14.89
CA HIS B 273 4.20 -24.33 15.64
C HIS B 273 5.40 -25.27 15.57
N MET B 274 6.61 -24.70 15.54
CA MET B 274 7.79 -25.56 15.45
C MET B 274 9.00 -24.92 16.16
N GLY B 275 9.99 -25.76 16.41
CA GLY B 275 11.22 -25.32 17.02
C GLY B 275 12.37 -26.23 16.62
N ILE B 276 13.54 -26.07 17.27
CA ILE B 276 14.68 -26.95 17.03
C ILE B 276 14.92 -27.72 18.32
N TYR B 277 15.29 -28.99 18.20
CA TYR B 277 15.67 -29.81 19.34
C TYR B 277 17.07 -29.43 19.77
N ILE B 278 17.22 -28.98 21.01
CA ILE B 278 18.53 -28.52 21.46
C ILE B 278 19.21 -29.51 22.39
N GLY B 279 18.63 -30.69 22.60
CA GLY B 279 19.18 -31.65 23.54
C GLY B 279 18.38 -31.73 24.83
N ASN B 280 18.77 -32.69 25.66
CA ASN B 280 18.02 -32.97 26.88
C ASN B 280 16.66 -33.37 26.32
N ASN B 281 15.60 -32.74 26.76
CA ASN B 281 14.27 -32.82 26.21
C ASN B 281 13.78 -31.42 25.95
N SER B 282 14.68 -30.53 25.52
CA SER B 282 14.40 -29.11 25.35
C SER B 282 14.27 -28.78 23.88
N PHE B 283 13.68 -27.61 23.59
CA PHE B 283 13.69 -27.08 22.23
C PHE B 283 13.63 -25.57 22.29
N ILE B 284 14.35 -24.89 21.39
CA ILE B 284 14.25 -23.45 21.23
C ILE B 284 13.26 -23.19 20.12
N HIS B 285 12.39 -22.22 20.33
CA HIS B 285 11.31 -21.88 19.42
C HIS B 285 11.09 -20.38 19.47
N ALA B 286 10.29 -19.84 18.56
CA ALA B 286 9.93 -18.42 18.63
C ALA B 286 8.42 -18.27 18.83
N GLY B 287 8.02 -17.71 20.00
CA GLY B 287 6.62 -17.61 20.37
C GLY B 287 6.22 -16.19 20.73
N SER B 288 4.92 -16.03 21.08
CA SER B 288 4.36 -14.71 21.32
C SER B 288 5.17 -13.91 22.31
N ASP B 289 5.62 -14.54 23.40
CA ASP B 289 6.38 -13.78 24.38
C ASP B 289 7.83 -13.59 23.96
N GLY B 290 8.34 -14.45 23.10
CA GLY B 290 9.62 -14.21 22.50
C GLY B 290 10.26 -15.52 22.10
N VAL B 291 11.56 -15.46 21.82
CA VAL B 291 12.32 -16.68 21.68
C VAL B 291 12.53 -17.24 23.07
N GLN B 292 12.25 -18.53 23.23
CA GLN B 292 12.23 -19.20 24.52
C GLN B 292 12.86 -20.58 24.37
N ILE B 293 13.29 -21.15 25.50
CA ILE B 293 13.70 -22.56 25.59
C ILE B 293 12.59 -23.28 26.33
N SER B 294 12.04 -24.31 25.75
CA SER B 294 10.96 -25.01 26.42
C SER B 294 11.24 -26.49 26.31
N SER B 295 10.79 -27.25 27.30
CA SER B 295 11.11 -28.67 27.30
C SER B 295 9.90 -29.48 26.85
N LEU B 296 10.19 -30.64 26.26
CA LEU B 296 9.18 -31.49 25.65
C LEU B 296 8.33 -32.23 26.67
N ASN B 297 8.61 -32.08 27.97
CA ASN B 297 7.81 -32.71 29.02
C ASN B 297 6.95 -31.68 29.74
N ASN B 298 6.75 -30.53 29.10
CA ASN B 298 5.75 -29.57 29.51
C ASN B 298 4.35 -30.07 29.13
N SER B 299 3.35 -29.69 29.93
CA SER B 299 1.99 -30.19 29.74
C SER B 299 1.27 -29.63 28.51
N TYR B 300 1.72 -28.48 27.98
CA TYR B 300 1.13 -27.95 26.74
C TYR B 300 1.74 -28.61 25.52
N TRP B 301 3.06 -28.70 25.48
CA TRP B 301 3.74 -29.13 24.27
C TRP B 301 3.60 -30.64 24.06
N LYS B 302 3.83 -31.42 25.12
CA LYS B 302 3.98 -32.86 24.99
C LYS B 302 2.75 -33.54 24.39
N PRO B 303 1.51 -33.23 24.82
CA PRO B 303 0.34 -33.80 24.13
C PRO B 303 0.24 -33.39 22.69
N ARG B 304 0.76 -32.21 22.37
CA ARG B 304 0.68 -31.63 21.04
C ARG B 304 1.97 -31.83 20.25
N TYR B 305 2.96 -32.53 20.80
CA TYR B 305 4.12 -32.89 20.00
C TYR B 305 3.64 -33.85 18.93
N LEU B 306 3.72 -33.40 17.68
CA LEU B 306 3.18 -34.08 16.52
C LEU B 306 4.16 -35.08 15.98
N GLY B 307 5.43 -34.70 15.97
CA GLY B 307 6.49 -35.52 15.43
C GLY B 307 7.71 -34.65 15.15
N ALA B 308 8.71 -35.28 14.53
CA ALA B 308 9.95 -34.60 14.22
C ALA B 308 10.34 -34.89 12.79
N LYS B 309 10.92 -33.88 12.15
CA LYS B 309 11.35 -33.98 10.76
C LYS B 309 12.70 -33.33 10.72
N ARG B 310 13.58 -33.82 9.86
CA ARG B 310 14.95 -33.34 9.87
C ARG B 310 15.40 -32.86 8.49
N PHE B 311 16.19 -31.79 8.52
CA PHE B 311 16.84 -31.23 7.37
C PHE B 311 17.88 -32.23 6.89
N ASP C 8 18.04 16.49 -39.58
CA ASP C 8 17.38 17.24 -38.52
C ASP C 8 16.12 16.53 -38.06
N LEU C 9 15.11 17.28 -37.65
CA LEU C 9 13.90 16.68 -37.09
C LEU C 9 12.64 17.15 -37.81
N SER C 10 11.87 16.17 -38.29
CA SER C 10 10.63 16.31 -39.04
C SER C 10 9.47 16.64 -38.11
N GLN C 11 8.36 17.13 -38.69
CA GLN C 11 7.21 17.38 -37.81
C GLN C 11 6.61 16.06 -37.35
N LYS C 12 6.43 15.12 -38.27
CA LYS C 12 5.82 13.86 -37.87
C LYS C 12 6.74 13.05 -36.95
N GLN C 13 8.06 13.11 -37.13
CA GLN C 13 8.94 12.41 -36.21
C GLN C 13 8.89 12.99 -34.81
N ALA C 14 8.86 14.32 -34.70
CA ALA C 14 8.77 14.93 -33.38
C ALA C 14 7.52 14.45 -32.65
N LEU C 15 6.38 14.41 -33.35
CA LEU C 15 5.13 13.96 -32.75
C LEU C 15 5.22 12.51 -32.26
N GLN C 16 5.91 11.63 -32.98
CA GLN C 16 6.09 10.28 -32.47
C GLN C 16 6.99 10.30 -31.24
N LEU C 17 8.03 11.11 -31.25
CA LEU C 17 8.87 11.18 -30.05
C LEU C 17 8.07 11.76 -28.88
N ALA C 18 7.30 12.82 -29.15
CA ALA C 18 6.51 13.43 -28.11
C ALA C 18 5.56 12.42 -27.49
N LEU C 19 4.90 11.61 -28.32
CA LEU C 19 4.05 10.54 -27.82
C LEU C 19 4.82 9.51 -27.00
N SER C 20 6.10 9.32 -27.31
CA SER C 20 6.90 8.45 -26.45
C SER C 20 7.08 9.11 -25.10
N ALA C 21 7.39 10.40 -25.10
CA ALA C 21 7.50 11.14 -23.86
C ALA C 21 6.16 11.14 -23.10
N ARG C 22 5.06 11.26 -23.83
CA ARG C 22 3.74 11.16 -23.21
C ARG C 22 3.60 9.83 -22.49
N GLU C 23 3.93 8.74 -23.18
CA GLU C 23 3.80 7.42 -22.55
C GLU C 23 4.72 7.28 -21.38
N HIS C 24 5.97 7.73 -21.51
CA HIS C 24 6.89 7.53 -20.41
C HIS C 24 6.46 8.36 -19.20
N PHE C 25 6.02 9.60 -19.42
CA PHE C 25 5.59 10.43 -18.30
C PHE C 25 4.37 9.84 -17.63
N TRP C 26 3.38 9.41 -18.42
CA TRP C 26 2.18 8.83 -17.86
C TRP C 26 2.53 7.60 -17.03
N ASN C 27 3.30 6.68 -17.60
CA ASN C 27 3.70 5.48 -16.87
C ASN C 27 4.51 5.81 -15.62
N THR C 28 5.46 6.73 -15.74
CA THR C 28 6.30 7.06 -14.60
C THR C 28 5.45 7.62 -13.47
N MET C 29 4.54 8.52 -13.78
CA MET C 29 3.76 9.16 -12.74
C MET C 29 2.78 8.20 -12.12
N SER C 30 2.39 7.17 -12.87
CA SER C 30 1.51 6.12 -12.39
C SER C 30 2.23 5.12 -11.53
N GLY C 31 3.54 5.09 -11.56
CA GLY C 31 4.27 4.16 -10.74
C GLY C 31 4.53 2.81 -11.39
N HIS C 32 4.15 2.64 -12.65
CA HIS C 32 4.23 1.31 -13.25
C HIS C 32 4.25 1.40 -14.76
N ASN C 33 5.15 0.64 -15.40
CA ASN C 33 5.06 0.39 -16.83
C ASN C 33 4.17 -0.81 -17.06
N PRO C 34 3.01 -0.65 -17.67
CA PRO C 34 2.11 -1.80 -17.87
C PRO C 34 2.69 -2.94 -18.70
N LYS C 35 3.77 -2.73 -19.47
CA LYS C 35 4.37 -3.86 -20.19
C LYS C 35 4.91 -4.92 -19.23
N VAL C 36 5.36 -4.50 -18.05
CA VAL C 36 5.94 -5.43 -17.06
C VAL C 36 4.78 -6.03 -16.26
N LYS C 37 4.30 -7.21 -16.68
CA LYS C 37 3.26 -7.87 -15.91
C LYS C 37 3.84 -8.59 -14.69
N LYS C 38 5.16 -8.75 -14.66
CA LYS C 38 5.93 -9.39 -13.60
C LYS C 38 6.25 -8.41 -12.46
N ALA C 39 5.32 -7.51 -12.17
CA ALA C 39 5.51 -6.41 -11.22
C ALA C 39 4.92 -6.78 -9.87
N VAL C 40 5.38 -6.05 -8.84
CA VAL C 40 4.90 -6.14 -7.46
C VAL C 40 4.75 -4.72 -6.91
N CYS C 41 3.52 -4.32 -6.56
CA CYS C 41 3.28 -2.93 -6.15
C CYS C 41 3.04 -2.77 -4.66
N PRO C 42 4.00 -2.21 -3.91
CA PRO C 42 3.91 -2.18 -2.45
C PRO C 42 2.73 -1.38 -1.93
N SER C 43 1.76 -2.01 -1.28
CA SER C 43 0.72 -1.22 -0.68
C SER C 43 1.32 -0.41 0.45
N GLY C 44 0.78 0.77 0.64
CA GLY C 44 1.30 1.58 1.70
C GLY C 44 1.24 3.02 1.31
N THR C 45 0.84 3.86 2.26
CA THR C 45 0.78 5.29 2.09
C THR C 45 1.54 5.96 3.23
N PHE C 46 2.08 7.14 2.93
CA PHE C 46 2.76 7.92 3.94
C PHE C 46 2.56 9.40 3.62
N GLU C 47 2.95 10.23 4.58
CA GLU C 47 2.77 11.67 4.46
C GLU C 47 4.10 12.37 4.71
N TYR C 48 4.43 13.31 3.84
CA TYR C 48 5.63 14.12 3.90
C TYR C 48 5.32 15.43 3.18
N GLN C 49 5.83 16.57 3.67
CA GLN C 49 5.70 17.83 2.92
C GLN C 49 4.25 18.19 2.59
N ASN C 50 3.29 17.76 3.41
CA ASN C 50 1.85 17.95 3.16
C ASN C 50 1.38 17.29 1.87
N LEU C 51 2.02 16.19 1.48
CA LEU C 51 1.64 15.42 0.32
C LEU C 51 1.45 13.97 0.74
N GLN C 52 0.36 13.34 0.29
CA GLN C 52 0.23 11.93 0.57
C GLN C 52 1.00 11.14 -0.48
N TYR C 53 1.85 10.22 -0.04
CA TYR C 53 2.78 9.54 -0.91
C TYR C 53 2.40 8.07 -1.05
N VAL C 54 2.78 7.50 -2.21
CA VAL C 54 2.58 6.09 -2.55
C VAL C 54 3.90 5.57 -3.11
N TYR C 55 3.99 4.25 -3.21
CA TYR C 55 5.22 3.60 -3.64
C TYR C 55 5.19 3.25 -5.12
N MET C 56 6.28 3.56 -5.81
CA MET C 56 6.37 3.15 -7.19
C MET C 56 6.50 1.63 -7.23
N CYS C 57 5.96 1.03 -8.28
CA CYS C 57 6.02 -0.42 -8.35
C CYS C 57 7.45 -0.86 -8.61
N SER C 58 7.67 -2.17 -8.44
CA SER C 58 9.03 -2.72 -8.45
C SER C 58 9.83 -2.35 -9.69
N ASP C 59 9.19 -2.39 -10.87
CA ASP C 59 9.91 -2.20 -12.14
C ASP C 59 10.50 -0.80 -12.26
N LEU C 60 9.85 0.16 -11.63
CA LEU C 60 10.30 1.54 -11.53
C LEU C 60 10.57 1.86 -10.06
N GLY C 61 10.77 0.81 -9.24
CA GLY C 61 10.83 0.94 -7.79
C GLY C 61 11.99 1.72 -7.23
N THR C 62 13.12 1.74 -7.93
CA THR C 62 14.33 2.39 -7.46
C THR C 62 14.51 3.63 -8.32
N LYS C 63 15.13 4.67 -7.76
CA LYS C 63 15.37 5.87 -8.56
C LYS C 63 16.15 5.52 -9.81
N ALA C 64 17.07 4.55 -9.71
CA ALA C 64 17.86 4.14 -10.88
C ALA C 64 16.99 3.51 -11.97
N LYS C 65 16.06 2.63 -11.59
CA LYS C 65 15.15 2.06 -12.58
C LYS C 65 14.36 3.16 -13.25
N ALA C 66 14.02 4.21 -12.49
CA ALA C 66 13.30 5.34 -13.07
C ALA C 66 14.14 6.00 -14.15
N VAL C 67 15.41 6.28 -13.85
CA VAL C 67 16.28 6.91 -14.84
C VAL C 67 16.46 6.02 -16.07
N ASN C 68 16.61 4.70 -15.88
CA ASN C 68 16.80 3.87 -17.06
C ASN C 68 15.60 3.89 -17.96
N TYR C 69 14.41 4.04 -17.39
CA TYR C 69 13.19 4.12 -18.18
C TYR C 69 13.19 5.39 -19.03
N LEU C 70 13.69 6.49 -18.47
CA LEU C 70 13.58 7.82 -19.02
C LEU C 70 14.81 8.27 -19.78
N THR C 71 15.94 7.60 -19.60
CA THR C 71 17.15 7.94 -20.36
C THR C 71 16.99 7.82 -21.88
N PRO C 72 16.12 6.96 -22.42
CA PRO C 72 15.81 7.07 -23.85
C PRO C 72 15.12 8.38 -24.29
N ILE C 73 14.14 8.93 -23.57
CA ILE C 73 13.33 10.03 -24.10
C ILE C 73 13.59 11.40 -23.47
N PHE C 74 14.13 11.50 -22.27
CA PHE C 74 14.29 12.79 -21.60
C PHE C 74 15.76 13.04 -21.27
N THR C 75 16.22 14.27 -21.50
CA THR C 75 17.62 14.57 -21.25
C THR C 75 17.90 14.53 -19.76
N LYS C 76 19.18 14.42 -19.40
CA LYS C 76 19.51 14.28 -17.98
C LYS C 76 18.95 15.44 -17.18
N THR C 77 19.03 16.66 -17.71
CA THR C 77 18.47 17.79 -16.98
C THR C 77 16.95 17.67 -16.87
N ALA C 78 16.30 17.16 -17.91
CA ALA C 78 14.85 16.97 -17.88
C ALA C 78 14.45 15.97 -16.80
N ILE C 79 15.22 14.89 -16.65
CA ILE C 79 14.93 13.88 -15.63
C ILE C 79 15.24 14.40 -14.24
N GLU C 80 16.36 15.12 -14.07
CA GLU C 80 16.61 15.72 -12.77
C GLU C 80 15.46 16.64 -12.40
N LYS C 81 15.23 17.68 -13.21
CA LYS C 81 14.18 18.66 -12.94
C LYS C 81 12.83 17.98 -12.79
N GLY C 82 12.65 16.80 -13.39
CA GLY C 82 11.38 16.09 -13.24
C GLY C 82 11.17 15.58 -11.82
N PHE C 83 12.20 14.96 -11.23
CA PHE C 83 12.12 14.43 -9.87
C PHE C 83 11.92 15.54 -8.86
N LYS C 84 12.53 16.69 -9.12
CA LYS C 84 12.41 17.84 -8.25
C LYS C 84 11.04 18.46 -8.41
N ASP C 85 10.65 18.74 -9.65
CA ASP C 85 9.39 19.43 -9.93
C ASP C 85 8.20 18.63 -9.40
N TYR C 86 8.20 17.31 -9.59
CA TYR C 86 7.06 16.53 -9.16
C TYR C 86 7.25 15.90 -7.79
N HIS C 87 8.15 16.45 -6.97
CA HIS C 87 8.26 16.11 -5.55
C HIS C 87 8.31 14.59 -5.35
N PHE C 88 9.27 13.97 -6.02
CA PHE C 88 9.63 12.58 -5.80
C PHE C 88 10.43 12.47 -4.52
N THR C 89 10.41 11.28 -3.92
CA THR C 89 11.32 11.05 -2.79
C THR C 89 11.59 9.55 -2.64
N VAL C 90 12.66 9.24 -1.90
CA VAL C 90 13.06 7.87 -1.61
C VAL C 90 12.78 7.63 -0.12
N SER C 91 12.02 6.60 0.18
CA SER C 91 11.69 6.23 1.55
C SER C 91 11.79 4.73 1.73
N LYS C 92 12.46 4.31 2.80
CA LYS C 92 12.70 2.90 3.04
C LYS C 92 13.42 2.25 1.86
N GLY C 93 14.29 3.02 1.18
CA GLY C 93 15.06 2.56 0.04
C GLY C 93 14.33 2.42 -1.30
N LYS C 94 13.08 2.87 -1.39
CA LYS C 94 12.21 2.70 -2.55
C LYS C 94 11.74 4.06 -3.03
N LEU C 95 11.54 4.19 -4.35
CA LEU C 95 11.06 5.46 -4.89
C LEU C 95 9.60 5.71 -4.52
N ALA C 96 9.24 6.98 -4.43
CA ALA C 96 7.89 7.36 -4.03
C ALA C 96 7.39 8.56 -4.84
N VAL C 97 6.07 8.58 -5.08
CA VAL C 97 5.43 9.70 -5.78
C VAL C 97 4.28 10.23 -4.95
N PRO C 98 3.98 11.51 -5.01
CA PRO C 98 2.71 11.97 -4.45
C PRO C 98 1.56 11.39 -5.25
N ILE C 99 0.50 11.01 -4.54
CA ILE C 99 -0.65 10.47 -5.25
C ILE C 99 -1.21 11.59 -6.12
N GLY C 100 -1.62 11.22 -7.34
CA GLY C 100 -2.12 12.15 -8.36
C GLY C 100 -2.97 11.43 -9.38
N ASP C 101 -3.65 12.23 -10.21
CA ASP C 101 -4.51 11.73 -11.28
C ASP C 101 -4.17 12.35 -12.63
N GLY C 102 -4.58 11.65 -13.68
CA GLY C 102 -4.30 12.09 -15.02
C GLY C 102 -5.51 12.71 -15.70
N ASP C 103 -5.23 13.35 -16.83
CA ASP C 103 -6.26 13.87 -17.71
C ASP C 103 -5.82 13.76 -19.18
N ASN C 104 -6.71 13.21 -20.01
CA ASN C 104 -6.47 13.01 -21.44
C ASN C 104 -7.19 14.02 -22.33
N LEU C 105 -7.50 15.21 -21.82
CA LEU C 105 -8.16 16.20 -22.65
C LEU C 105 -7.39 16.48 -23.92
N LEU C 106 -6.07 16.55 -23.86
CA LEU C 106 -5.34 16.83 -25.07
C LEU C 106 -5.19 15.57 -25.91
N ASN C 107 -5.71 15.59 -27.13
CA ASN C 107 -5.51 14.50 -28.08
C ASN C 107 -4.21 14.73 -28.81
N TRP C 108 -3.13 14.23 -28.24
CA TRP C 108 -1.86 14.49 -28.89
C TRP C 108 -1.77 13.80 -30.24
N LYS C 109 -2.44 12.66 -30.39
CA LYS C 109 -2.30 11.92 -31.64
C LYS C 109 -2.78 12.72 -32.85
N LYS C 110 -3.78 13.59 -32.68
CA LYS C 110 -4.32 14.36 -33.78
C LYS C 110 -3.85 15.83 -33.78
N SER C 111 -2.63 16.07 -33.29
CA SER C 111 -2.00 17.38 -33.24
C SER C 111 -1.30 17.75 -34.55
N THR C 112 -0.90 19.03 -34.67
CA THR C 112 -0.09 19.54 -35.79
C THR C 112 1.13 20.25 -35.23
N ALA C 113 2.24 20.23 -35.96
CA ALA C 113 3.51 20.76 -35.45
C ALA C 113 4.01 21.94 -36.25
N LYS C 114 4.60 22.92 -35.53
CA LYS C 114 5.21 24.12 -36.11
C LYS C 114 6.58 24.38 -35.51
N LEU C 115 7.57 24.63 -36.37
CA LEU C 115 8.93 24.91 -35.89
C LEU C 115 9.04 26.34 -35.39
N ILE C 116 9.56 26.52 -34.18
CA ILE C 116 9.80 27.83 -33.60
C ILE C 116 11.27 28.25 -33.69
N SER C 117 12.21 27.35 -33.46
CA SER C 117 13.61 27.74 -33.41
C SER C 117 14.51 26.54 -33.65
N LYS C 118 15.75 26.83 -33.99
CA LYS C 118 16.83 25.84 -34.07
C LYS C 118 18.11 26.51 -33.60
N LYS C 119 18.67 26.06 -32.48
CA LYS C 119 19.99 26.56 -32.02
C LYS C 119 20.90 25.35 -31.76
N GLY C 120 21.70 24.98 -32.76
CA GLY C 120 22.64 23.90 -32.56
C GLY C 120 21.92 22.59 -32.27
N SER C 121 22.21 22.01 -31.10
CA SER C 121 21.61 20.73 -30.70
C SER C 121 20.17 20.90 -30.26
N THR C 122 19.67 22.12 -30.17
CA THR C 122 18.34 22.38 -29.66
C THR C 122 17.43 22.79 -30.81
N ILE C 123 16.30 22.13 -30.91
CA ILE C 123 15.23 22.42 -31.86
C ILE C 123 13.98 22.50 -31.01
N THR C 124 13.19 23.55 -31.17
CA THR C 124 11.98 23.70 -30.37
C THR C 124 10.77 23.80 -31.29
N TYR C 125 9.75 23.00 -31.02
CA TYR C 125 8.55 22.95 -31.85
C TYR C 125 7.36 23.37 -31.03
N GLU C 126 6.41 24.02 -31.69
CA GLU C 126 5.13 24.33 -31.09
C GLU C 126 4.08 23.46 -31.73
N PHE C 127 3.25 22.86 -30.89
CA PHE C 127 2.21 21.92 -31.28
C PHE C 127 0.87 22.54 -30.96
N THR C 128 -0.10 22.42 -31.86
CA THR C 128 -1.48 22.74 -31.51
C THR C 128 -2.28 21.45 -31.38
N VAL C 129 -2.84 21.22 -30.19
CA VAL C 129 -3.42 19.93 -29.84
C VAL C 129 -4.92 20.10 -29.62
N PRO C 130 -5.76 19.37 -30.33
CA PRO C 130 -7.20 19.41 -30.08
C PRO C 130 -7.56 18.79 -28.74
N THR C 131 -8.70 19.24 -28.21
CA THR C 131 -9.21 18.75 -26.94
C THR C 131 -10.41 17.86 -27.22
N LEU C 132 -10.50 16.76 -26.50
CA LEU C 132 -11.63 15.86 -26.62
C LEU C 132 -12.92 16.55 -26.20
N ASP C 133 -12.80 17.53 -25.31
CA ASP C 133 -13.93 18.24 -24.70
C ASP C 133 -14.70 19.06 -25.72
N GLY C 134 -14.04 19.52 -26.77
CA GLY C 134 -14.62 20.55 -27.59
C GLY C 134 -14.19 21.91 -27.15
N SER C 135 -13.33 21.98 -26.13
CA SER C 135 -12.74 23.22 -25.68
C SER C 135 -11.72 23.71 -26.72
N PRO C 136 -11.29 24.97 -26.62
CA PRO C 136 -10.28 25.50 -27.55
C PRO C 136 -8.97 24.72 -27.54
N SER C 137 -8.36 24.63 -28.70
CA SER C 137 -7.14 23.83 -28.77
C SER C 137 -6.04 24.48 -27.93
N ALA C 138 -5.02 23.69 -27.63
CA ALA C 138 -3.99 24.04 -26.67
C ALA C 138 -2.66 24.18 -27.40
N LYS C 139 -1.89 25.19 -26.98
CA LYS C 139 -0.54 25.45 -27.49
C LYS C 139 0.48 24.76 -26.58
N ARG C 140 1.25 23.80 -27.12
CA ARG C 140 2.24 23.04 -26.35
C ARG C 140 3.63 23.05 -26.98
N LYS C 141 4.58 23.72 -26.35
CA LYS C 141 5.93 23.81 -26.89
C LYS C 141 6.76 22.64 -26.36
N VAL C 142 7.34 21.88 -27.28
CA VAL C 142 8.23 20.77 -26.91
C VAL C 142 9.61 21.02 -27.52
N THR C 143 10.64 21.08 -26.68
CA THR C 143 12.03 21.29 -27.11
C THR C 143 12.83 20.00 -27.04
N PHE C 144 13.46 19.64 -28.16
CA PHE C 144 14.28 18.44 -28.28
C PHE C 144 15.74 18.82 -28.31
N VAL C 145 16.56 18.15 -27.50
CA VAL C 145 18.00 18.39 -27.46
C VAL C 145 18.69 17.06 -27.67
N LYS C 146 19.83 17.08 -28.37
CA LYS C 146 20.51 15.86 -28.80
C LYS C 146 21.55 15.43 -27.78
N GLU C 147 21.25 14.38 -27.03
CA GLU C 147 22.14 13.76 -26.06
C GLU C 147 22.64 12.46 -26.66
N ASN C 148 23.98 12.26 -26.63
CA ASN C 148 24.66 11.22 -27.41
C ASN C 148 24.35 11.50 -28.87
N LYS C 149 23.77 10.57 -29.61
CA LYS C 149 23.29 10.84 -30.96
C LYS C 149 21.76 10.82 -31.04
N LYS C 150 21.08 10.49 -29.92
CA LYS C 150 19.63 10.39 -29.87
C LYS C 150 18.98 11.73 -29.56
N TRP C 151 17.89 12.05 -30.25
CA TRP C 151 17.09 13.21 -29.91
C TRP C 151 16.19 12.87 -28.73
N LYS C 152 16.08 13.80 -27.77
CA LYS C 152 15.34 13.60 -26.52
C LYS C 152 14.54 14.86 -26.19
N VAL C 153 13.58 14.72 -25.27
CA VAL C 153 12.80 15.88 -24.81
C VAL C 153 13.52 16.46 -23.60
N ASN C 154 13.60 17.79 -23.51
CA ASN C 154 14.32 18.42 -22.43
C ASN C 154 13.40 18.88 -21.31
N GLN C 155 12.16 18.41 -21.28
CA GLN C 155 11.32 18.56 -20.10
C GLN C 155 10.45 17.33 -19.91
N PHE C 156 10.30 16.93 -18.64
CA PHE C 156 9.50 15.76 -18.30
C PHE C 156 8.02 15.96 -18.63
N ASP C 157 7.46 17.07 -18.18
CA ASP C 157 6.03 17.27 -18.27
C ASP C 157 5.60 17.89 -19.59
N ALA C 158 6.51 17.93 -20.59
CA ALA C 158 6.21 18.67 -21.82
C ALA C 158 4.98 18.09 -22.53
N VAL C 159 4.92 16.77 -22.63
CA VAL C 159 3.86 16.09 -23.35
C VAL C 159 3.01 15.28 -22.35
N ILE C 160 1.75 15.68 -22.21
CA ILE C 160 0.80 15.01 -21.30
C ILE C 160 -0.53 14.73 -22.00
N SER D 194 -23.43 19.73 4.24
CA SER D 194 -22.78 19.79 5.56
C SER D 194 -21.63 20.82 5.60
N LEU D 195 -21.48 21.55 4.50
CA LEU D 195 -20.40 22.50 4.31
C LEU D 195 -20.99 23.76 3.69
N ASN D 196 -20.30 24.88 3.84
CA ASN D 196 -20.81 26.10 3.25
C ASN D 196 -20.60 26.02 1.75
N VAL D 197 -21.65 25.58 1.06
CA VAL D 197 -21.57 25.36 -0.37
C VAL D 197 -21.26 26.63 -1.11
N SER D 198 -21.77 27.76 -0.64
CA SER D 198 -21.41 29.02 -1.26
C SER D 198 -19.90 29.21 -1.19
N LYS D 199 -19.28 28.81 -0.07
CA LYS D 199 -17.83 28.90 0.00
C LYS D 199 -17.15 27.85 -0.89
N LEU D 200 -17.68 26.62 -0.94
CA LEU D 200 -17.10 25.64 -1.86
C LEU D 200 -17.08 26.19 -3.28
N VAL D 201 -18.24 26.65 -3.75
CA VAL D 201 -18.34 27.13 -5.12
C VAL D 201 -17.55 28.41 -5.30
N SER D 202 -17.57 29.29 -4.32
CA SER D 202 -16.81 30.54 -4.43
C SER D 202 -15.32 30.28 -4.47
N ASP D 203 -14.81 29.41 -3.57
CA ASP D 203 -13.38 29.12 -3.56
C ASP D 203 -12.94 28.32 -4.79
N ALA D 204 -13.75 27.38 -5.26
CA ALA D 204 -13.39 26.68 -6.48
C ALA D 204 -13.34 27.65 -7.65
N LYS D 205 -14.27 28.60 -7.67
CA LYS D 205 -14.33 29.57 -8.76
C LYS D 205 -13.08 30.44 -8.82
N ALA D 206 -12.51 30.81 -7.66
CA ALA D 206 -11.36 31.72 -7.69
C ALA D 206 -10.14 31.10 -8.39
N LEU D 207 -10.02 29.78 -8.38
CA LEU D 207 -8.87 29.10 -8.97
C LEU D 207 -9.05 28.84 -10.46
N VAL D 208 -10.12 29.33 -11.07
CA VAL D 208 -10.38 29.02 -12.47
C VAL D 208 -9.25 29.55 -13.32
N GLY D 209 -8.73 28.69 -14.18
CA GLY D 209 -7.57 29.04 -14.97
C GLY D 209 -6.24 28.54 -14.43
N THR D 210 -6.17 28.07 -13.18
CA THR D 210 -4.88 27.58 -12.69
C THR D 210 -4.46 26.38 -13.53
N PRO D 211 -3.19 26.27 -13.87
CA PRO D 211 -2.77 25.15 -14.71
C PRO D 211 -2.90 23.79 -14.02
N TYR D 212 -2.34 22.78 -14.66
CA TYR D 212 -2.52 21.39 -14.30
C TYR D 212 -1.17 20.80 -13.92
N LYS D 213 -1.15 20.02 -12.84
CA LYS D 213 0.00 19.20 -12.49
C LYS D 213 -0.51 17.93 -11.83
N TRP D 214 0.15 16.80 -12.07
CA TRP D 214 -0.18 15.61 -11.29
C TRP D 214 0.01 15.90 -9.82
N GLY D 215 -0.89 15.37 -9.02
CA GLY D 215 -0.86 15.56 -7.59
C GLY D 215 -0.76 17.03 -7.30
N GLY D 216 -1.35 17.86 -8.15
CA GLY D 216 -1.17 19.28 -8.02
C GLY D 216 -2.05 19.73 -6.89
N THR D 217 -1.42 20.02 -5.75
CA THR D 217 -2.14 20.36 -4.53
C THR D 217 -1.98 21.82 -4.16
N THR D 218 -1.35 22.62 -5.00
CA THR D 218 -0.96 23.99 -4.65
C THR D 218 -1.62 24.92 -5.65
N THR D 219 -1.65 26.21 -5.31
CA THR D 219 -2.35 27.13 -6.19
C THR D 219 -1.64 27.29 -7.52
N SER D 220 -0.41 26.78 -7.60
CA SER D 220 0.41 26.83 -8.79
C SER D 220 0.22 25.65 -9.73
N GLY D 221 -0.66 24.69 -9.40
CA GLY D 221 -1.06 23.66 -10.35
C GLY D 221 -1.84 22.55 -9.67
N PHE D 222 -2.95 22.08 -10.27
CA PHE D 222 -3.91 21.14 -9.65
C PHE D 222 -4.20 19.99 -10.61
N ASP D 223 -5.00 19.03 -10.14
CA ASP D 223 -5.57 18.00 -11.01
C ASP D 223 -7.02 17.75 -10.55
N CYS D 224 -7.67 16.73 -11.14
CA CYS D 224 -9.03 16.37 -10.73
C CYS D 224 -9.12 16.34 -9.22
N SER D 225 -8.28 15.47 -8.65
CA SER D 225 -8.29 15.17 -7.22
C SER D 225 -7.74 16.33 -6.40
N GLY D 226 -6.57 16.83 -6.75
CA GLY D 226 -5.92 17.85 -5.94
C GLY D 226 -6.73 19.12 -5.84
N PHE D 227 -7.41 19.49 -6.93
CA PHE D 227 -8.31 20.62 -6.91
C PHE D 227 -9.43 20.40 -5.88
N ILE D 228 -10.03 19.20 -5.87
CA ILE D 228 -11.09 18.91 -4.90
C ILE D 228 -10.56 18.90 -3.48
N TRP D 229 -9.36 18.37 -3.27
CA TRP D 229 -8.80 18.32 -1.92
C TRP D 229 -8.50 19.72 -1.40
N TYR D 230 -7.87 20.56 -2.22
CA TYR D 230 -7.54 21.91 -1.80
C TYR D 230 -8.79 22.66 -1.36
N VAL D 231 -9.84 22.60 -2.17
CA VAL D 231 -11.05 23.37 -1.92
C VAL D 231 -11.75 22.87 -0.67
N LEU D 232 -11.69 21.57 -0.45
CA LEU D 232 -12.34 21.05 0.73
C LEU D 232 -11.59 21.50 1.98
N ASN D 233 -10.25 21.35 1.96
CA ASN D 233 -9.40 21.67 3.11
C ASN D 233 -9.43 23.14 3.46
N LYS D 234 -10.04 23.97 2.63
CA LYS D 234 -10.31 25.34 2.99
C LYS D 234 -11.40 25.45 4.05
N GLN D 235 -12.37 24.53 4.06
CA GLN D 235 -13.43 24.49 5.08
C GLN D 235 -13.18 23.48 6.20
N THR D 236 -12.91 22.22 5.88
CA THR D 236 -12.70 21.17 6.87
C THR D 236 -11.52 20.29 6.45
N SER D 237 -10.88 19.66 7.42
CA SER D 237 -9.67 18.90 7.13
C SER D 237 -10.00 17.57 6.47
N VAL D 238 -9.31 17.28 5.34
CA VAL D 238 -9.47 16.05 4.55
C VAL D 238 -8.09 15.55 4.12
N GLY D 239 -8.02 14.25 3.81
CA GLY D 239 -6.81 13.67 3.27
C GLY D 239 -6.82 13.59 1.74
N ARG D 240 -5.63 13.58 1.17
CA ARG D 240 -5.49 13.58 -0.28
C ARG D 240 -5.69 12.19 -0.88
N THR D 241 -6.55 12.08 -1.91
CA THR D 241 -6.76 10.81 -2.60
C THR D 241 -6.95 11.08 -4.08
N SER D 242 -7.06 10.00 -4.84
CA SER D 242 -7.37 10.01 -6.26
C SER D 242 -8.87 10.19 -6.44
N THR D 243 -9.27 10.45 -7.68
CA THR D 243 -10.68 10.58 -7.98
C THR D 243 -11.43 9.32 -7.59
N ALA D 244 -10.83 8.16 -7.85
CA ALA D 244 -11.50 6.89 -7.55
C ALA D 244 -11.67 6.68 -6.04
N GLY D 245 -10.73 7.14 -5.22
CA GLY D 245 -10.90 7.01 -3.79
C GLY D 245 -12.04 7.86 -3.28
N TYR D 246 -12.15 9.07 -3.81
CA TYR D 246 -13.23 9.96 -3.46
C TYR D 246 -14.60 9.39 -3.87
N TRP D 247 -14.62 8.43 -4.80
CA TRP D 247 -15.87 7.75 -5.14
C TRP D 247 -16.38 6.90 -3.97
N SER D 248 -15.50 6.15 -3.31
CA SER D 248 -15.93 5.26 -2.24
C SER D 248 -15.87 5.92 -0.86
N SER D 249 -15.26 7.09 -0.77
CA SER D 249 -15.18 7.82 0.49
C SER D 249 -16.27 8.88 0.60
N MET D 250 -17.15 8.98 -0.38
CA MET D 250 -18.18 10.00 -0.37
C MET D 250 -19.57 9.37 -0.43
N LYS D 251 -20.54 10.07 0.15
CA LYS D 251 -21.89 9.55 0.23
C LYS D 251 -22.54 9.57 -1.15
N SER D 252 -23.30 8.53 -1.47
CA SER D 252 -23.87 8.38 -2.79
C SER D 252 -25.13 9.22 -2.92
N ILE D 253 -25.35 9.83 -4.09
CA ILE D 253 -26.62 10.51 -4.37
C ILE D 253 -27.01 10.39 -5.83
N ALA D 254 -28.30 10.62 -6.10
CA ALA D 254 -28.81 10.87 -7.43
C ALA D 254 -29.19 12.33 -7.50
N SER D 255 -29.40 12.84 -8.72
CA SER D 255 -29.67 14.26 -8.93
C SER D 255 -28.71 15.13 -8.12
N PRO D 256 -27.48 15.35 -8.59
CA PRO D 256 -26.52 16.15 -7.83
C PRO D 256 -27.07 17.53 -7.53
N SER D 257 -26.85 18.00 -6.30
CA SER D 257 -27.18 19.37 -5.93
C SER D 257 -25.94 20.26 -6.05
N VAL D 258 -26.18 21.56 -6.02
CA VAL D 258 -25.06 22.50 -6.05
C VAL D 258 -24.12 22.23 -4.87
N GLY D 259 -22.82 22.27 -5.13
CA GLY D 259 -21.81 21.98 -4.13
C GLY D 259 -21.42 20.53 -4.03
N ASP D 260 -22.16 19.63 -4.66
CA ASP D 260 -21.89 18.22 -4.68
C ASP D 260 -20.83 17.91 -5.75
N PHE D 261 -20.33 16.68 -5.74
CA PHE D 261 -19.27 16.31 -6.65
C PHE D 261 -19.75 15.37 -7.75
N VAL D 262 -19.25 15.60 -8.96
CA VAL D 262 -19.65 14.86 -10.15
C VAL D 262 -18.46 14.08 -10.69
N PHE D 263 -18.74 12.92 -11.30
CA PHE D 263 -17.72 11.96 -11.75
C PHE D 263 -17.92 11.57 -13.20
N PHE D 264 -16.79 11.29 -13.85
CA PHE D 264 -16.73 10.92 -15.26
C PHE D 264 -15.73 9.80 -15.43
N THR D 265 -15.82 9.10 -16.54
CA THR D 265 -14.88 8.04 -16.90
C THR D 265 -14.12 8.51 -18.14
N THR D 266 -12.84 8.86 -17.96
CA THR D 266 -12.10 9.48 -19.06
C THR D 266 -11.03 8.56 -19.60
N TYR D 267 -9.85 8.54 -18.96
CA TYR D 267 -8.74 7.78 -19.52
C TYR D 267 -8.77 6.30 -19.16
N LYS D 268 -9.56 5.89 -18.17
CA LYS D 268 -9.60 4.50 -17.77
C LYS D 268 -11.03 4.16 -17.36
N SER D 269 -11.27 2.86 -17.22
CA SER D 269 -12.56 2.40 -16.75
C SER D 269 -12.73 2.75 -15.29
N GLY D 270 -13.88 3.31 -14.96
CA GLY D 270 -14.15 3.70 -13.60
C GLY D 270 -13.98 5.18 -13.42
N PRO D 271 -14.07 5.64 -12.18
CA PRO D 271 -13.97 7.08 -11.91
C PRO D 271 -12.53 7.55 -12.07
N SER D 272 -12.31 8.46 -13.00
CA SER D 272 -10.99 8.97 -13.28
C SER D 272 -10.92 10.49 -13.40
N HIS D 273 -12.05 11.17 -13.42
CA HIS D 273 -12.07 12.62 -13.51
C HIS D 273 -13.30 13.11 -12.73
N MET D 274 -13.15 14.22 -12.02
CA MET D 274 -14.23 14.70 -11.18
C MET D 274 -14.18 16.22 -11.08
N GLY D 275 -15.31 16.78 -10.67
CA GLY D 275 -15.50 18.19 -10.47
C GLY D 275 -16.59 18.44 -9.44
N ILE D 276 -17.04 19.68 -9.36
CA ILE D 276 -18.18 20.08 -8.54
C ILE D 276 -19.27 20.63 -9.43
N TYR D 277 -20.51 20.29 -9.10
CA TYR D 277 -21.70 20.82 -9.77
C TYR D 277 -22.07 22.18 -9.18
N ILE D 278 -22.11 23.22 -10.02
CA ILE D 278 -22.35 24.57 -9.56
C ILE D 278 -23.72 25.11 -9.92
N GLY D 279 -24.57 24.32 -10.57
CA GLY D 279 -25.90 24.68 -11.01
C GLY D 279 -25.96 25.04 -12.49
N ASN D 280 -27.16 24.92 -13.07
CA ASN D 280 -27.38 25.14 -14.50
C ASN D 280 -26.48 24.24 -15.35
N ASN D 281 -26.41 22.96 -14.99
CA ASN D 281 -25.69 21.92 -15.74
C ASN D 281 -24.23 22.26 -16.02
N SER D 282 -23.60 23.00 -15.13
CA SER D 282 -22.20 23.38 -15.25
C SER D 282 -21.42 22.62 -14.20
N PHE D 283 -20.11 22.47 -14.41
CA PHE D 283 -19.25 21.90 -13.37
C PHE D 283 -17.85 22.46 -13.49
N ILE D 284 -17.19 22.65 -12.35
CA ILE D 284 -15.80 23.11 -12.30
C ILE D 284 -14.88 21.91 -12.13
N HIS D 285 -13.84 21.83 -12.92
CA HIS D 285 -12.93 20.68 -12.84
C HIS D 285 -11.53 21.12 -13.25
N ALA D 286 -10.55 20.24 -13.02
CA ALA D 286 -9.17 20.48 -13.46
C ALA D 286 -8.74 19.46 -14.50
N GLY D 287 -8.46 19.93 -15.71
CA GLY D 287 -8.02 19.11 -16.81
C GLY D 287 -6.68 19.60 -17.29
N SER D 288 -6.12 18.91 -18.28
CA SER D 288 -4.75 19.19 -18.70
C SER D 288 -4.55 20.68 -19.00
N ASP D 289 -5.54 21.32 -19.63
CA ASP D 289 -5.40 22.75 -19.92
C ASP D 289 -5.66 23.63 -18.71
N GLY D 290 -6.42 23.15 -17.74
CA GLY D 290 -6.46 23.84 -16.47
C GLY D 290 -7.76 23.61 -15.75
N VAL D 291 -7.96 24.42 -14.72
CA VAL D 291 -9.26 24.50 -14.08
C VAL D 291 -10.16 25.31 -14.98
N GLN D 292 -11.27 24.71 -15.41
CA GLN D 292 -12.17 25.32 -16.37
C GLN D 292 -13.57 24.92 -15.96
N ILE D 293 -14.55 25.62 -16.52
CA ILE D 293 -15.97 25.33 -16.30
C ILE D 293 -16.53 24.79 -17.61
N SER D 294 -17.13 23.60 -17.54
CA SER D 294 -17.66 22.88 -18.69
C SER D 294 -19.05 22.38 -18.34
N SER D 295 -19.89 22.12 -19.36
CA SER D 295 -21.30 21.78 -19.18
C SER D 295 -21.54 20.27 -19.25
N LEU D 296 -22.57 19.81 -18.56
CA LEU D 296 -22.83 18.38 -18.49
C LEU D 296 -23.50 17.85 -19.75
N ASN D 297 -23.83 18.70 -20.71
CA ASN D 297 -24.46 18.26 -21.96
C ASN D 297 -23.50 18.35 -23.12
N ASN D 298 -22.21 18.36 -22.84
CA ASN D 298 -21.20 18.25 -23.87
C ASN D 298 -21.29 16.87 -24.49
N SER D 299 -20.90 16.77 -25.77
CA SER D 299 -20.94 15.47 -26.45
C SER D 299 -19.91 14.51 -25.89
N TYR D 300 -18.86 15.06 -25.25
CA TYR D 300 -17.88 14.25 -24.57
C TYR D 300 -18.36 13.86 -23.19
N TRP D 301 -18.76 14.84 -22.38
CA TRP D 301 -18.96 14.56 -20.97
C TRP D 301 -20.21 13.74 -20.69
N LYS D 302 -21.34 14.08 -21.31
CA LYS D 302 -22.61 13.48 -20.88
C LYS D 302 -22.60 11.95 -21.00
N PRO D 303 -22.19 11.34 -22.12
CA PRO D 303 -22.14 9.86 -22.14
C PRO D 303 -21.24 9.25 -21.10
N ARG D 304 -20.24 10.00 -20.61
CA ARG D 304 -19.25 9.52 -19.67
C ARG D 304 -19.57 9.90 -18.24
N TYR D 305 -20.73 10.48 -18.00
CA TYR D 305 -21.15 10.79 -16.64
C TYR D 305 -21.35 9.53 -15.80
N LEU D 306 -20.64 9.45 -14.68
CA LEU D 306 -20.69 8.28 -13.80
C LEU D 306 -21.66 8.41 -12.63
N GLY D 307 -21.83 9.59 -12.04
CA GLY D 307 -22.70 9.73 -10.88
C GLY D 307 -22.38 10.98 -10.09
N ALA D 308 -22.97 11.07 -8.91
CA ALA D 308 -22.72 12.20 -8.05
C ALA D 308 -22.56 11.73 -6.61
N LYS D 309 -21.71 12.44 -5.87
CA LYS D 309 -21.41 12.11 -4.49
C LYS D 309 -21.27 13.40 -3.70
N ARG D 310 -21.62 13.35 -2.42
CA ARG D 310 -21.58 14.51 -1.55
C ARG D 310 -20.73 14.17 -0.35
N PHE D 311 -19.97 15.14 0.10
CA PHE D 311 -19.13 14.97 1.25
C PHE D 311 -19.93 14.72 2.52
#